data_2E3K
#
_entry.id   2E3K
#
_cell.length_a   45.828
_cell.length_b   128.591
_cell.length_c   45.847
_cell.angle_alpha   90.00
_cell.angle_beta   104.70
_cell.angle_gamma   90.00
#
_symmetry.space_group_name_H-M   'P 1 21 1'
#
loop_
_entity.id
_entity.type
_entity.pdbx_description
1 polymer 'Bromodomain-containing protein 2'
2 polymer '15-mer peptide from Histone H4'
3 water water
#
loop_
_entity_poly.entity_id
_entity_poly.type
_entity_poly.pdbx_seq_one_letter_code
_entity_poly.pdbx_strand_id
1 'polypeptide(L)'
;GSHMEQLKHCNGILKELLSKKHAAYAWPFYKPVDASALGLHDYHDIIKHPMDLSTVKRKMENRDYRDAQEFAADVRLMFS
NCYKYNPPDHDVVAMARKLQDVFEFRYAKMPD
;
A,B,C,D
2 'polypeptide(L)' SGRG(ALY)GGKGLG(ALY)GGA Q,R
#
# COMPACT_ATOMS: atom_id res chain seq x y z
N GLU A 5 -28.78 13.31 16.59
CA GLU A 5 -27.40 13.87 16.36
C GLU A 5 -26.56 13.12 15.31
N GLN A 6 -26.23 11.85 15.54
CA GLN A 6 -25.66 10.97 14.49
C GLN A 6 -25.84 11.45 13.05
N LEU A 7 -27.02 11.96 12.72
CA LEU A 7 -27.29 12.63 11.44
C LEU A 7 -26.27 13.71 11.10
N LYS A 8 -25.77 14.42 12.11
CA LYS A 8 -24.67 15.40 11.95
C LYS A 8 -23.42 14.72 11.44
N HIS A 9 -23.22 13.49 11.93
CA HIS A 9 -22.00 12.76 11.61
C HIS A 9 -22.19 12.21 10.18
N CYS A 10 -23.45 12.00 9.82
CA CYS A 10 -23.86 11.55 8.50
C CYS A 10 -23.55 12.57 7.42
N ASN A 11 -23.82 13.82 7.76
CA ASN A 11 -23.45 15.00 6.99
C ASN A 11 -21.98 15.01 6.66
N GLY A 12 -21.18 14.77 7.70
CA GLY A 12 -19.73 14.81 7.54
C GLY A 12 -19.28 13.73 6.58
N ILE A 13 -19.91 12.56 6.68
CA ILE A 13 -19.64 11.40 5.82
C ILE A 13 -19.96 11.71 4.38
N LEU A 14 -21.14 12.30 4.17
CA LEU A 14 -21.50 12.86 2.86
C LEU A 14 -20.42 13.74 2.20
N LYS A 15 -20.04 14.81 2.89
CA LYS A 15 -19.06 15.77 2.35
C LYS A 15 -17.72 15.05 2.11
N GLU A 16 -17.39 14.14 3.00
CA GLU A 16 -16.24 13.28 2.81
C GLU A 16 -16.37 12.44 1.47
N LEU A 17 -17.54 11.90 1.15
CA LEU A 17 -17.72 11.17 -0.12
C LEU A 17 -17.65 12.05 -1.35
N LEU A 18 -18.04 13.31 -1.17
CA LEU A 18 -18.11 14.24 -2.29
C LEU A 18 -16.80 14.95 -2.56
N SER A 19 -15.80 14.76 -1.70
CA SER A 19 -14.61 15.63 -1.65
C SER A 19 -13.65 15.25 -2.78
N LYS A 20 -12.71 16.14 -3.08
CA LYS A 20 -11.82 15.99 -4.23
C LYS A 20 -10.91 14.76 -4.04
N LYS A 21 -10.38 14.62 -2.84
CA LYS A 21 -9.69 13.44 -2.36
C LYS A 21 -10.16 12.06 -2.93
N HIS A 22 -11.47 11.87 -3.05
CA HIS A 22 -12.02 10.61 -3.55
C HIS A 22 -12.60 10.72 -4.95
N ALA A 23 -12.64 11.91 -5.51
CA ALA A 23 -13.10 12.09 -6.89
C ALA A 23 -12.74 11.02 -7.94
N ALA A 24 -11.54 10.41 -7.87
CA ALA A 24 -11.08 9.43 -8.90
C ALA A 24 -11.96 8.18 -9.05
N TYR A 25 -12.61 7.80 -7.97
CA TYR A 25 -13.44 6.60 -8.03
C TYR A 25 -14.83 6.95 -7.54
N ALA A 26 -15.07 8.20 -7.20
CA ALA A 26 -16.40 8.65 -6.71
C ALA A 26 -17.31 9.27 -7.80
N TRP A 27 -16.63 9.85 -8.82
CA TRP A 27 -17.28 10.54 -9.92
C TRP A 27 -18.49 9.79 -10.52
N PRO A 28 -18.51 8.45 -10.67
CA PRO A 28 -19.64 7.73 -11.27
C PRO A 28 -20.96 7.73 -10.41
N PHE A 29 -20.84 8.01 -9.12
CA PHE A 29 -21.95 8.12 -8.14
C PHE A 29 -22.52 9.50 -7.83
N TYR A 30 -21.94 10.56 -8.40
CA TYR A 30 -22.34 11.95 -8.04
C TYR A 30 -23.81 12.26 -8.26
N LYS A 31 -24.34 11.90 -9.42
CA LYS A 31 -25.72 12.22 -9.78
C LYS A 31 -26.38 10.96 -10.29
N PRO A 32 -27.70 10.89 -10.44
CA PRO A 32 -28.30 9.63 -10.93
C PRO A 32 -27.60 9.18 -12.21
N VAL A 33 -27.48 7.86 -12.36
CA VAL A 33 -26.99 7.27 -13.60
C VAL A 33 -27.76 7.83 -14.80
N ASP A 34 -27.02 8.28 -15.82
CA ASP A 34 -27.63 8.79 -17.07
C ASP A 34 -27.64 7.69 -18.15
N ALA A 35 -28.68 6.86 -18.07
CA ALA A 35 -28.83 5.73 -18.92
C ALA A 35 -28.78 6.17 -20.38
N SER A 36 -29.59 7.17 -20.76
CA SER A 36 -29.49 7.78 -22.08
C SER A 36 -28.11 8.18 -22.53
N ALA A 37 -27.39 8.96 -21.72
CA ALA A 37 -26.06 9.43 -22.15
C ALA A 37 -24.97 8.36 -22.19
N LEU A 38 -25.14 7.34 -21.37
CA LEU A 38 -24.21 6.23 -21.27
C LEU A 38 -24.58 5.15 -22.24
N GLY A 39 -25.77 5.26 -22.83
CA GLY A 39 -26.27 4.26 -23.77
C GLY A 39 -26.67 2.94 -23.20
N LEU A 40 -27.34 2.98 -22.06
CA LEU A 40 -27.81 1.78 -21.37
C LEU A 40 -29.33 1.64 -21.41
N HIS A 41 -29.85 1.22 -22.57
CA HIS A 41 -31.28 1.07 -22.74
C HIS A 41 -31.94 0.02 -21.81
N ASP A 42 -31.14 -0.68 -21.03
CA ASP A 42 -31.71 -1.73 -20.19
C ASP A 42 -31.53 -1.43 -18.67
N TYR A 43 -30.84 -0.32 -18.34
CA TYR A 43 -30.48 -0.03 -16.98
C TYR A 43 -31.71 0.00 -16.05
N HIS A 44 -32.79 0.63 -16.52
CA HIS A 44 -34.02 0.80 -15.76
C HIS A 44 -34.90 -0.44 -15.60
N ASP A 45 -34.81 -1.34 -16.57
CA ASP A 45 -35.43 -2.66 -16.48
C ASP A 45 -34.85 -3.54 -15.40
N ILE A 46 -33.57 -3.37 -15.13
CA ILE A 46 -32.80 -4.12 -14.15
C ILE A 46 -32.71 -3.49 -12.77
N ILE A 47 -32.40 -2.17 -12.74
CA ILE A 47 -32.40 -1.36 -11.53
C ILE A 47 -33.77 -0.63 -11.34
N LYS A 48 -34.64 -1.19 -10.51
CA LYS A 48 -35.92 -0.51 -10.14
C LYS A 48 -35.85 0.68 -9.15
N HIS A 49 -34.78 0.75 -8.33
CA HIS A 49 -34.62 1.80 -7.33
C HIS A 49 -33.28 2.49 -7.44
N PRO A 50 -33.18 3.42 -8.41
CA PRO A 50 -31.93 4.18 -8.62
C PRO A 50 -31.54 5.00 -7.42
N MET A 51 -30.25 5.10 -7.19
CA MET A 51 -29.74 5.88 -6.06
C MET A 51 -28.35 6.45 -6.39
N ASP A 52 -28.06 7.64 -5.84
CA ASP A 52 -26.87 8.39 -6.08
C ASP A 52 -26.67 9.38 -4.89
N LEU A 53 -25.45 9.91 -4.83
CA LEU A 53 -25.03 10.76 -3.75
C LEU A 53 -25.78 12.07 -3.80
N SER A 54 -26.17 12.54 -4.98
CA SER A 54 -26.96 13.79 -5.02
C SER A 54 -28.32 13.58 -4.35
N THR A 55 -28.91 12.42 -4.58
CA THR A 55 -30.17 12.05 -3.94
C THR A 55 -30.07 11.86 -2.40
N VAL A 56 -28.97 11.25 -1.93
CA VAL A 56 -28.75 11.06 -0.50
C VAL A 56 -28.62 12.45 0.16
N LYS A 57 -27.96 13.34 -0.54
CA LYS A 57 -27.72 14.66 -0.07
C LYS A 57 -29.00 15.45 0.17
N ARG A 58 -29.83 15.50 -0.86
CA ARG A 58 -31.12 16.16 -0.82
C ARG A 58 -31.95 15.59 0.31
N LYS A 59 -31.88 14.27 0.49
CA LYS A 59 -32.62 13.63 1.55
C LYS A 59 -32.08 14.08 2.90
N MET A 60 -30.82 14.51 2.92
CA MET A 60 -30.19 14.90 4.18
C MET A 60 -30.55 16.34 4.57
N GLU A 61 -30.43 17.23 3.60
CA GLU A 61 -30.81 18.60 3.74
C GLU A 61 -32.29 18.78 4.13
N ASN A 62 -33.14 17.82 3.75
CA ASN A 62 -34.58 17.78 4.12
C ASN A 62 -34.97 17.02 5.37
N ARG A 63 -33.99 16.35 6.02
CA ARG A 63 -34.20 15.52 7.19
C ARG A 63 -35.08 14.30 6.93
N ASP A 64 -35.10 13.83 5.69
CA ASP A 64 -35.93 12.65 5.38
C ASP A 64 -35.43 11.33 5.96
N TYR A 65 -34.22 11.30 6.51
CA TYR A 65 -33.74 10.11 7.21
C TYR A 65 -34.00 10.27 8.70
N ARG A 66 -34.62 9.28 9.29
CA ARG A 66 -34.97 9.33 10.71
C ARG A 66 -33.75 9.05 11.53
N ASP A 67 -32.81 8.34 10.95
CA ASP A 67 -31.61 7.95 11.64
C ASP A 67 -30.49 7.47 10.67
N ALA A 68 -29.35 7.16 11.24
CA ALA A 68 -28.13 6.89 10.51
C ALA A 68 -28.30 5.61 9.72
N GLN A 69 -29.06 4.66 10.28
CA GLN A 69 -29.39 3.38 9.64
C GLN A 69 -30.11 3.57 8.27
N GLU A 70 -31.07 4.50 8.20
CA GLU A 70 -31.78 4.82 6.92
C GLU A 70 -30.84 5.45 5.91
N PHE A 71 -30.02 6.38 6.37
CA PHE A 71 -28.98 6.97 5.57
C PHE A 71 -28.13 5.90 4.96
N ALA A 72 -27.68 4.99 5.81
CA ALA A 72 -26.76 3.94 5.38
C ALA A 72 -27.37 2.98 4.37
N ALA A 73 -28.66 2.64 4.52
CA ALA A 73 -29.38 1.82 3.52
C ALA A 73 -29.47 2.48 2.13
N ASP A 74 -29.51 3.80 2.10
CA ASP A 74 -29.54 4.42 0.82
C ASP A 74 -28.13 4.39 0.15
N VAL A 75 -27.10 4.68 0.94
CA VAL A 75 -25.72 4.62 0.44
C VAL A 75 -25.35 3.21 -0.04
N ARG A 76 -25.85 2.21 0.64
CA ARG A 76 -25.60 0.83 0.30
C ARG A 76 -26.44 0.40 -0.89
N LEU A 77 -27.66 0.91 -0.98
CA LEU A 77 -28.44 0.76 -2.19
C LEU A 77 -27.70 1.28 -3.39
N MET A 78 -27.10 2.44 -3.30
CA MET A 78 -26.34 2.97 -4.42
C MET A 78 -25.29 1.95 -4.95
N PHE A 79 -24.53 1.35 -4.05
CA PHE A 79 -23.43 0.45 -4.38
C PHE A 79 -23.98 -0.86 -4.85
N SER A 80 -25.03 -1.29 -4.17
CA SER A 80 -25.81 -2.45 -4.58
C SER A 80 -26.24 -2.41 -6.03
N ASN A 81 -26.97 -1.35 -6.42
CA ASN A 81 -27.37 -1.24 -7.85
C ASN A 81 -26.17 -1.41 -8.79
N CYS A 82 -25.06 -0.81 -8.40
CA CYS A 82 -23.83 -0.87 -9.17
C CYS A 82 -23.31 -2.30 -9.27
N TYR A 83 -23.32 -3.03 -8.16
CA TYR A 83 -22.81 -4.41 -8.16
C TYR A 83 -23.73 -5.30 -8.96
N LYS A 84 -25.02 -4.99 -8.92
CA LYS A 84 -26.08 -5.74 -9.59
C LYS A 84 -26.20 -5.56 -11.15
N TYR A 85 -26.04 -4.31 -11.59
CA TYR A 85 -26.12 -3.97 -13.00
C TYR A 85 -24.81 -4.27 -13.75
N ASN A 86 -23.67 -4.05 -13.12
CA ASN A 86 -22.43 -4.19 -13.89
C ASN A 86 -21.78 -5.58 -13.82
N PRO A 87 -21.10 -6.01 -14.88
CA PRO A 87 -20.24 -7.21 -14.78
C PRO A 87 -19.27 -7.08 -13.61
N PRO A 88 -18.89 -8.21 -13.05
CA PRO A 88 -18.03 -8.21 -11.86
C PRO A 88 -16.62 -7.63 -12.05
N ASP A 89 -16.14 -7.62 -13.29
CA ASP A 89 -14.82 -7.13 -13.68
C ASP A 89 -14.74 -5.68 -14.12
N HIS A 90 -15.90 -5.04 -14.30
CA HIS A 90 -15.97 -3.69 -14.89
C HIS A 90 -15.27 -2.74 -13.98
N ASP A 91 -14.60 -1.71 -14.51
CA ASP A 91 -13.84 -0.79 -13.67
C ASP A 91 -14.76 -0.09 -12.66
N VAL A 92 -15.99 0.16 -13.07
CA VAL A 92 -16.96 0.80 -12.22
C VAL A 92 -17.25 0.03 -10.92
N VAL A 93 -17.37 -1.31 -10.99
CA VAL A 93 -17.51 -2.16 -9.78
C VAL A 93 -16.35 -1.92 -8.82
N ALA A 94 -15.14 -1.81 -9.34
CA ALA A 94 -13.96 -1.56 -8.49
C ALA A 94 -13.96 -0.18 -7.86
N MET A 95 -14.45 0.81 -8.63
CA MET A 95 -14.60 2.13 -8.12
C MET A 95 -15.63 2.21 -6.99
N ALA A 96 -16.72 1.50 -7.15
CA ALA A 96 -17.73 1.43 -6.09
C ALA A 96 -17.18 0.81 -4.78
N ARG A 97 -16.46 -0.30 -4.88
CA ARG A 97 -16.00 -1.02 -3.68
C ARG A 97 -15.00 -0.16 -2.95
N LYS A 98 -14.24 0.60 -3.72
CA LYS A 98 -13.29 1.58 -3.26
C LYS A 98 -14.00 2.75 -2.54
N LEU A 99 -15.09 3.29 -3.16
CA LEU A 99 -15.92 4.25 -2.45
C LEU A 99 -16.62 3.63 -1.21
N GLN A 100 -17.10 2.39 -1.34
CA GLN A 100 -17.80 1.80 -0.23
C GLN A 100 -16.89 1.68 1.05
N ASP A 101 -15.62 1.24 0.87
CA ASP A 101 -14.66 1.11 1.99
C ASP A 101 -14.47 2.39 2.75
N VAL A 102 -14.44 3.48 2.00
CA VAL A 102 -14.36 4.79 2.61
C VAL A 102 -15.63 5.13 3.44
N PHE A 103 -16.78 4.84 2.85
CA PHE A 103 -18.05 5.10 3.51
C PHE A 103 -18.18 4.28 4.78
N GLU A 104 -18.02 2.97 4.60
CA GLU A 104 -18.20 2.03 5.68
C GLU A 104 -17.28 2.41 6.83
N PHE A 105 -16.07 2.81 6.52
CA PHE A 105 -15.12 3.15 7.56
C PHE A 105 -15.52 4.37 8.34
N ARG A 106 -15.87 5.43 7.63
CA ARG A 106 -16.31 6.61 8.31
C ARG A 106 -17.60 6.28 9.00
N TYR A 107 -18.39 5.39 8.44
CA TYR A 107 -19.68 5.11 9.04
C TYR A 107 -19.53 4.34 10.37
N ALA A 108 -18.63 3.38 10.38
CA ALA A 108 -18.30 2.67 11.61
C ALA A 108 -17.76 3.63 12.69
N LYS A 109 -17.01 4.65 12.27
CA LYS A 109 -16.37 5.58 13.19
C LYS A 109 -17.32 6.58 13.80
N MET A 110 -18.60 6.47 13.43
CA MET A 110 -19.69 7.17 14.10
C MET A 110 -19.97 6.68 15.51
N PRO A 111 -20.03 7.63 16.47
CA PRO A 111 -20.34 7.32 17.90
C PRO A 111 -21.70 6.63 18.21
N ASP A 112 -21.63 5.34 18.63
CA ASP A 112 -22.78 4.40 18.83
C ASP A 112 -22.32 2.93 18.99
N HIS B 3 34.95 -6.67 -16.68
CA HIS B 3 35.37 -7.46 -15.47
C HIS B 3 34.32 -8.46 -14.98
N MET B 4 34.84 -9.61 -14.53
CA MET B 4 34.08 -10.81 -14.07
C MET B 4 34.46 -11.06 -12.64
N GLU B 5 35.40 -10.24 -12.18
CA GLU B 5 35.79 -10.18 -10.78
C GLU B 5 34.58 -9.57 -10.07
N GLN B 6 34.01 -8.55 -10.71
CA GLN B 6 32.81 -7.86 -10.21
C GLN B 6 31.71 -8.85 -9.83
N LEU B 7 31.34 -9.70 -10.78
CA LEU B 7 30.39 -10.79 -10.59
C LEU B 7 30.68 -11.68 -9.38
N LYS B 8 31.98 -12.02 -9.20
CA LYS B 8 32.41 -12.71 -7.99
C LYS B 8 32.17 -11.91 -6.71
N HIS B 9 32.37 -10.60 -6.76
CA HIS B 9 32.06 -9.74 -5.61
C HIS B 9 30.56 -9.87 -5.32
N CYS B 10 29.74 -9.71 -6.33
CA CYS B 10 28.26 -9.79 -6.23
C CYS B 10 27.69 -11.03 -5.51
N ASN B 11 28.35 -12.16 -5.72
CA ASN B 11 28.04 -13.41 -5.07
C ASN B 11 28.28 -13.38 -3.56
N GLY B 12 29.38 -12.74 -3.19
CA GLY B 12 29.62 -12.37 -1.81
C GLY B 12 28.56 -11.44 -1.21
N ILE B 13 28.11 -10.46 -1.97
CA ILE B 13 27.08 -9.55 -1.47
C ILE B 13 25.85 -10.40 -1.16
N LEU B 14 25.49 -11.27 -2.10
CA LEU B 14 24.25 -12.00 -2.06
C LEU B 14 24.12 -12.96 -0.92
N LYS B 15 25.20 -13.71 -0.71
CA LYS B 15 25.31 -14.61 0.45
C LYS B 15 25.05 -13.83 1.70
N GLU B 16 25.79 -12.76 1.96
CA GLU B 16 25.47 -11.91 3.07
C GLU B 16 24.00 -11.47 3.21
N LEU B 17 23.38 -11.08 2.10
CA LEU B 17 21.95 -10.71 2.13
C LEU B 17 21.14 -11.87 2.61
N LEU B 18 21.64 -13.09 2.40
CA LEU B 18 20.84 -14.27 2.78
C LEU B 18 21.24 -14.89 4.12
N SER B 19 22.14 -14.20 4.83
CA SER B 19 22.74 -14.74 6.00
C SER B 19 21.94 -14.46 7.28
N LYS B 20 22.18 -15.31 8.30
CA LYS B 20 21.55 -15.17 9.63
C LYS B 20 21.63 -13.75 10.11
N LYS B 21 22.82 -13.18 10.02
CA LYS B 21 23.11 -11.78 10.28
C LYS B 21 22.00 -10.79 9.90
N HIS B 22 21.33 -11.00 8.75
CA HIS B 22 20.27 -10.06 8.34
C HIS B 22 18.87 -10.56 8.42
N ALA B 23 18.62 -11.71 9.05
CA ALA B 23 17.28 -12.31 9.02
C ALA B 23 16.22 -11.41 9.61
N ALA B 24 16.63 -10.51 10.47
CA ALA B 24 15.70 -9.54 11.06
C ALA B 24 14.94 -8.72 10.05
N TYR B 25 15.51 -8.45 8.87
CA TYR B 25 14.74 -7.62 7.92
C TYR B 25 14.78 -8.23 6.52
N ALA B 26 15.33 -9.43 6.40
CA ALA B 26 15.54 -10.03 5.07
C ALA B 26 14.51 -11.10 4.73
N TRP B 27 13.96 -11.75 5.75
CA TRP B 27 12.89 -12.80 5.49
C TRP B 27 11.76 -12.49 4.49
N PRO B 28 11.12 -11.30 4.56
CA PRO B 28 10.09 -10.93 3.56
C PRO B 28 10.48 -11.07 2.07
N PHE B 29 11.78 -11.01 1.80
CA PHE B 29 12.34 -11.05 0.49
C PHE B 29 12.98 -12.36 0.07
N TYR B 30 12.82 -13.43 0.88
CA TYR B 30 13.54 -14.70 0.60
C TYR B 30 12.99 -15.42 -0.63
N LYS B 31 11.67 -15.42 -0.77
CA LYS B 31 10.93 -16.02 -1.89
C LYS B 31 9.90 -15.01 -2.45
N PRO B 32 9.30 -15.27 -3.62
CA PRO B 32 8.33 -14.35 -4.18
C PRO B 32 7.12 -14.13 -3.28
N VAL B 33 6.52 -12.95 -3.36
CA VAL B 33 5.24 -12.72 -2.70
C VAL B 33 4.27 -13.66 -3.35
N ASP B 34 3.43 -14.31 -2.56
CA ASP B 34 2.37 -15.20 -3.05
C ASP B 34 1.03 -14.52 -3.19
N ALA B 35 0.85 -13.67 -4.19
CA ALA B 35 -0.41 -12.89 -4.23
C ALA B 35 -1.71 -13.71 -4.20
N SER B 36 -1.59 -14.97 -4.60
CA SER B 36 -2.73 -15.88 -4.59
C SER B 36 -3.23 -16.15 -3.17
N ALA B 37 -2.43 -16.79 -2.33
CA ALA B 37 -2.85 -17.13 -0.96
C ALA B 37 -2.91 -15.92 -0.03
N LEU B 38 -3.45 -14.76 -0.49
CA LEU B 38 -3.43 -13.46 0.18
C LEU B 38 -4.43 -12.50 -0.48
N GLY B 39 -5.16 -12.97 -1.46
CA GLY B 39 -6.18 -12.14 -2.08
C GLY B 39 -5.64 -10.79 -2.49
N LEU B 40 -4.46 -10.81 -3.10
CA LEU B 40 -3.77 -9.60 -3.54
C LEU B 40 -4.02 -9.49 -5.05
N HIS B 41 -5.29 -9.41 -5.37
CA HIS B 41 -5.73 -9.53 -6.74
C HIS B 41 -5.14 -8.42 -7.56
N ASP B 42 -4.66 -7.38 -6.86
CA ASP B 42 -3.91 -6.26 -7.41
C ASP B 42 -2.35 -6.48 -7.65
N TYR B 43 -1.73 -7.42 -6.95
CA TYR B 43 -0.27 -7.54 -6.99
C TYR B 43 0.30 -7.66 -8.36
N HIS B 44 -0.01 -8.73 -9.08
CA HIS B 44 0.48 -8.91 -10.45
C HIS B 44 0.00 -7.79 -11.44
N ASP B 45 -1.11 -7.15 -11.15
CA ASP B 45 -1.49 -6.03 -11.98
C ASP B 45 -0.48 -4.88 -11.79
N ILE B 46 -0.25 -4.51 -10.52
CA ILE B 46 0.65 -3.43 -10.09
C ILE B 46 2.16 -3.77 -10.19
N ILE B 47 2.54 -5.00 -9.86
CA ILE B 47 3.93 -5.47 -9.98
C ILE B 47 4.14 -6.32 -11.24
N LYS B 48 4.67 -5.68 -12.26
CA LYS B 48 4.88 -6.26 -13.56
C LYS B 48 6.00 -7.31 -13.53
N HIS B 49 7.02 -7.07 -12.72
CA HIS B 49 8.20 -7.92 -12.65
C HIS B 49 8.59 -8.28 -11.25
N PRO B 50 7.88 -9.24 -10.69
CA PRO B 50 8.17 -9.76 -9.35
C PRO B 50 9.66 -10.16 -9.31
N MET B 51 10.31 -9.85 -8.22
CA MET B 51 11.70 -10.23 -7.95
C MET B 51 11.83 -10.57 -6.45
N ASP B 52 12.80 -11.42 -6.12
CA ASP B 52 13.10 -11.83 -4.76
C ASP B 52 14.46 -12.51 -4.78
N LEU B 53 15.05 -12.61 -3.59
CA LEU B 53 16.43 -13.02 -3.46
C LEU B 53 16.66 -14.47 -3.94
N SER B 54 15.68 -15.36 -3.78
CA SER B 54 15.85 -16.75 -4.23
C SER B 54 16.01 -16.84 -5.79
N THR B 55 15.29 -15.98 -6.54
CA THR B 55 15.43 -15.79 -7.98
C THR B 55 16.77 -15.23 -8.41
N VAL B 56 17.25 -14.22 -7.67
CA VAL B 56 18.50 -13.60 -7.93
C VAL B 56 19.64 -14.63 -7.76
N LYS B 57 19.49 -15.46 -6.72
CA LYS B 57 20.42 -16.51 -6.39
C LYS B 57 20.45 -17.58 -7.53
N ARG B 58 19.26 -17.97 -8.00
CA ARG B 58 19.19 -18.84 -9.17
C ARG B 58 20.07 -18.27 -10.29
N LYS B 59 19.75 -17.04 -10.71
CA LYS B 59 20.40 -16.42 -11.86
C LYS B 59 21.91 -16.24 -11.65
N MET B 60 22.26 -16.02 -10.38
CA MET B 60 23.65 -15.84 -10.00
C MET B 60 24.46 -17.11 -10.25
N GLU B 61 23.86 -18.24 -9.88
CA GLU B 61 24.51 -19.56 -9.84
C GLU B 61 24.53 -20.24 -11.18
N ASN B 62 23.62 -19.79 -12.02
CA ASN B 62 23.49 -20.20 -13.38
C ASN B 62 24.16 -19.21 -14.30
N ARG B 63 24.79 -18.20 -13.68
CA ARG B 63 25.60 -17.20 -14.38
C ARG B 63 24.82 -16.38 -15.43
N ASP B 64 23.52 -16.16 -15.19
CA ASP B 64 22.67 -15.41 -16.10
C ASP B 64 22.87 -13.91 -16.05
N TYR B 65 23.71 -13.42 -15.14
CA TYR B 65 23.95 -11.98 -15.10
C TYR B 65 25.20 -11.70 -15.90
N ARG B 66 25.17 -10.77 -16.85
CA ARG B 66 26.33 -10.42 -17.74
C ARG B 66 27.39 -9.71 -16.93
N ASP B 67 26.90 -8.91 -15.99
CA ASP B 67 27.76 -8.09 -15.18
C ASP B 67 27.08 -7.62 -13.90
N ALA B 68 27.87 -6.88 -13.11
CA ALA B 68 27.54 -6.50 -11.77
C ALA B 68 26.33 -5.61 -11.86
N GLN B 69 26.27 -4.82 -12.94
CA GLN B 69 25.18 -3.90 -13.12
C GLN B 69 23.85 -4.63 -13.22
N GLU B 70 23.78 -5.78 -13.93
CA GLU B 70 22.52 -6.55 -14.09
C GLU B 70 22.01 -7.11 -12.74
N PHE B 71 22.92 -7.61 -11.96
CA PHE B 71 22.67 -8.06 -10.61
C PHE B 71 22.04 -6.93 -9.76
N ALA B 72 22.58 -5.72 -9.88
CA ALA B 72 22.09 -4.64 -9.05
C ALA B 72 20.68 -4.23 -9.42
N ALA B 73 20.41 -4.29 -10.71
CA ALA B 73 19.14 -3.99 -11.27
C ALA B 73 18.05 -4.92 -10.77
N ASP B 74 18.31 -6.23 -10.73
CA ASP B 74 17.36 -7.11 -10.07
C ASP B 74 17.16 -6.77 -8.58
N VAL B 75 18.26 -6.52 -7.86
CA VAL B 75 18.18 -6.28 -6.43
C VAL B 75 17.40 -5.04 -6.14
N ARG B 76 17.52 -4.03 -6.99
CA ARG B 76 16.83 -2.77 -6.76
C ARG B 76 15.38 -2.86 -7.13
N LEU B 77 15.12 -3.71 -8.11
CA LEU B 77 13.79 -4.00 -8.58
C LEU B 77 12.97 -4.71 -7.49
N MET B 78 13.53 -5.72 -6.85
CA MET B 78 12.91 -6.31 -5.66
C MET B 78 12.52 -5.21 -4.60
N PHE B 79 13.47 -4.35 -4.24
CA PHE B 79 13.22 -3.26 -3.30
C PHE B 79 12.21 -2.29 -3.83
N SER B 80 12.38 -1.85 -5.08
CA SER B 80 11.39 -0.95 -5.69
C SER B 80 10.00 -1.51 -5.67
N ASN B 81 9.81 -2.76 -6.09
CA ASN B 81 8.47 -3.31 -6.09
C ASN B 81 7.83 -3.18 -4.68
N CYS B 82 8.62 -3.38 -3.63
CA CYS B 82 8.05 -3.39 -2.28
C CYS B 82 7.59 -1.98 -1.95
N TYR B 83 8.42 -1.01 -2.36
CA TYR B 83 8.18 0.39 -2.18
C TYR B 83 6.90 0.83 -2.90
N LYS B 84 6.72 0.26 -4.10
CA LYS B 84 5.62 0.60 -4.99
C LYS B 84 4.29 0.03 -4.46
N TYR B 85 4.29 -1.22 -4.11
CA TYR B 85 3.09 -1.87 -3.73
C TYR B 85 2.64 -1.61 -2.26
N ASN B 86 3.58 -1.33 -1.40
CA ASN B 86 3.23 -1.18 -0.01
C ASN B 86 3.15 0.29 0.48
N PRO B 87 2.26 0.56 1.46
CA PRO B 87 2.23 1.88 2.13
C PRO B 87 3.56 2.11 2.81
N PRO B 88 4.04 3.35 2.70
CA PRO B 88 5.33 3.76 3.25
C PRO B 88 5.53 3.53 4.78
N ASP B 89 4.39 3.45 5.50
CA ASP B 89 4.37 3.14 6.96
C ASP B 89 4.51 1.66 7.35
N HIS B 90 4.45 0.79 6.34
CA HIS B 90 4.40 -0.64 6.58
C HIS B 90 5.77 -1.21 7.04
N ASP B 91 5.70 -2.09 8.02
CA ASP B 91 6.90 -2.74 8.56
C ASP B 91 7.74 -3.43 7.47
N VAL B 92 7.11 -3.93 6.43
CA VAL B 92 7.83 -4.54 5.34
C VAL B 92 8.71 -3.55 4.52
N VAL B 93 8.19 -2.34 4.37
CA VAL B 93 8.93 -1.28 3.70
C VAL B 93 10.15 -0.88 4.50
N ALA B 94 9.99 -0.80 5.83
CA ALA B 94 11.08 -0.48 6.69
C ALA B 94 12.12 -1.60 6.66
N MET B 95 11.69 -2.86 6.52
CA MET B 95 12.68 -3.94 6.37
C MET B 95 13.41 -3.89 5.02
N ALA B 96 12.70 -3.46 3.96
CA ALA B 96 13.37 -3.32 2.66
C ALA B 96 14.46 -2.25 2.69
N ARG B 97 14.14 -1.08 3.26
CA ARG B 97 15.13 -0.02 3.42
C ARG B 97 16.38 -0.49 4.16
N LYS B 98 16.19 -1.16 5.31
CA LYS B 98 17.28 -1.72 6.12
C LYS B 98 18.10 -2.69 5.27
N LEU B 99 17.41 -3.56 4.53
CA LEU B 99 18.13 -4.48 3.68
C LEU B 99 18.79 -3.81 2.50
N GLN B 100 18.13 -2.82 1.89
CA GLN B 100 18.72 -2.13 0.78
C GLN B 100 19.98 -1.43 1.23
N ASP B 101 20.03 -0.85 2.42
CA ASP B 101 21.23 -0.14 2.83
C ASP B 101 22.41 -1.08 2.90
N VAL B 102 22.15 -2.30 3.34
CA VAL B 102 23.18 -3.30 3.37
C VAL B 102 23.64 -3.62 1.98
N PHE B 103 22.69 -3.64 1.05
CA PHE B 103 22.99 -3.96 -0.31
C PHE B 103 23.85 -2.85 -0.97
N GLU B 104 23.34 -1.61 -0.89
CA GLU B 104 23.96 -0.43 -1.51
C GLU B 104 25.37 -0.24 -0.97
N PHE B 105 25.55 -0.56 0.30
CA PHE B 105 26.84 -0.47 0.92
C PHE B 105 27.86 -1.53 0.50
N ARG B 106 27.53 -2.82 0.59
CA ARG B 106 28.37 -3.80 -0.08
C ARG B 106 28.53 -3.58 -1.58
N TYR B 107 27.48 -3.10 -2.27
CA TYR B 107 27.60 -3.00 -3.73
C TYR B 107 28.59 -1.88 -4.14
N ALA B 108 28.55 -0.79 -3.37
CA ALA B 108 29.48 0.35 -3.51
C ALA B 108 30.98 0.00 -3.23
N LYS B 109 31.25 -0.97 -2.37
CA LYS B 109 32.56 -1.42 -1.94
C LYS B 109 33.18 -2.40 -2.94
N MET B 110 32.45 -2.69 -4.00
CA MET B 110 32.96 -3.46 -5.12
C MET B 110 34.20 -2.79 -5.74
N PRO B 111 35.37 -3.46 -5.73
CA PRO B 111 36.49 -3.04 -6.60
C PRO B 111 36.04 -2.81 -8.07
N ASP B 112 36.04 -1.53 -8.46
CA ASP B 112 35.52 -1.10 -9.77
C ASP B 112 36.37 0.01 -10.37
N GLU C 5 -35.72 -19.34 0.71
CA GLU C 5 -35.24 -19.72 -0.66
C GLU C 5 -34.08 -18.82 -1.12
N GLN C 6 -34.16 -17.57 -0.69
CA GLN C 6 -33.02 -16.67 -0.70
C GLN C 6 -31.98 -17.12 0.37
N LEU C 7 -32.44 -17.89 1.34
CA LEU C 7 -31.55 -18.32 2.40
C LEU C 7 -30.72 -19.50 1.92
N LYS C 8 -31.16 -20.16 0.83
CA LYS C 8 -30.35 -21.12 0.07
C LYS C 8 -29.14 -20.45 -0.61
N HIS C 9 -29.19 -19.13 -0.71
CA HIS C 9 -28.10 -18.41 -1.31
C HIS C 9 -27.16 -17.93 -0.19
N CYS C 10 -27.72 -17.38 0.88
CA CYS C 10 -26.92 -16.91 2.00
C CYS C 10 -26.11 -18.05 2.59
N ASN C 11 -26.64 -19.29 2.49
CA ASN C 11 -25.90 -20.47 2.92
C ASN C 11 -24.64 -20.67 2.07
N GLY C 12 -24.79 -20.60 0.73
CA GLY C 12 -23.70 -20.57 -0.22
C GLY C 12 -22.78 -19.35 -0.07
N ILE C 13 -23.31 -18.18 0.27
CA ILE C 13 -22.45 -17.04 0.61
C ILE C 13 -21.57 -17.38 1.82
N LEU C 14 -22.15 -17.96 2.85
CA LEU C 14 -21.45 -18.24 4.09
C LEU C 14 -20.34 -19.27 3.93
N LYS C 15 -20.58 -20.28 3.10
CA LYS C 15 -19.63 -21.32 2.75
C LYS C 15 -18.47 -20.70 1.96
N GLU C 16 -18.82 -19.80 1.04
CA GLU C 16 -17.78 -19.16 0.23
C GLU C 16 -16.84 -18.42 1.21
N LEU C 17 -17.41 -17.57 2.08
CA LEU C 17 -16.65 -16.86 3.10
C LEU C 17 -15.78 -17.75 3.94
N LEU C 18 -16.32 -18.90 4.34
CA LEU C 18 -15.60 -19.79 5.24
C LEU C 18 -14.59 -20.74 4.56
N SER C 19 -14.48 -20.66 3.21
CA SER C 19 -13.62 -21.56 2.41
C SER C 19 -12.14 -21.20 2.47
N LYS C 20 -11.31 -22.21 2.17
CA LYS C 20 -9.85 -22.11 2.26
C LYS C 20 -9.25 -21.00 1.40
N LYS C 21 -9.80 -20.81 0.20
CA LYS C 21 -9.44 -19.68 -0.68
C LYS C 21 -9.09 -18.40 0.09
N HIS C 22 -9.98 -18.04 1.04
CA HIS C 22 -9.92 -16.77 1.74
C HIS C 22 -9.25 -16.89 3.09
N ALA C 23 -8.83 -18.08 3.44
CA ALA C 23 -8.29 -18.31 4.78
C ALA C 23 -7.19 -17.29 5.21
N ALA C 24 -6.52 -16.63 4.26
CA ALA C 24 -5.39 -15.71 4.58
C ALA C 24 -5.81 -14.44 5.22
N TYR C 25 -7.05 -14.05 4.96
CA TYR C 25 -7.54 -12.83 5.53
C TYR C 25 -8.90 -12.98 6.20
N ALA C 26 -9.41 -14.20 6.26
CA ALA C 26 -10.69 -14.50 6.90
C ALA C 26 -10.52 -14.96 8.35
N TRP C 27 -9.37 -15.57 8.68
CA TRP C 27 -9.09 -16.01 10.05
C TRP C 27 -9.38 -15.01 11.20
N PRO C 28 -9.25 -13.69 11.05
CA PRO C 28 -9.63 -12.84 12.21
C PRO C 28 -11.16 -12.92 12.53
N PHE C 29 -11.92 -13.39 11.56
CA PHE C 29 -13.37 -13.42 11.67
C PHE C 29 -13.97 -14.82 11.88
N TYR C 30 -13.16 -15.86 12.01
CA TYR C 30 -13.72 -17.21 12.22
C TYR C 30 -14.46 -17.40 13.51
N LYS C 31 -13.95 -16.82 14.59
CA LYS C 31 -14.48 -17.03 15.93
C LYS C 31 -14.71 -15.67 16.55
N PRO C 32 -15.53 -15.55 17.59
CA PRO C 32 -15.74 -14.24 18.17
C PRO C 32 -14.39 -13.67 18.56
N VAL C 33 -14.26 -12.34 18.44
CA VAL C 33 -13.14 -11.59 18.94
C VAL C 33 -12.86 -11.90 20.44
N ASP C 34 -11.67 -12.36 20.68
CA ASP C 34 -11.30 -12.70 22.04
C ASP C 34 -10.62 -11.54 22.75
N ALA C 35 -11.41 -10.70 23.36
CA ALA C 35 -10.83 -9.55 24.01
C ALA C 35 -9.79 -9.89 25.10
N SER C 36 -10.10 -10.85 25.98
CA SER C 36 -9.24 -11.20 27.15
C SER C 36 -7.86 -11.77 26.73
N ALA C 37 -7.87 -12.77 25.87
CA ALA C 37 -6.62 -13.29 25.27
C ALA C 37 -5.82 -12.33 24.45
N LEU C 38 -6.42 -11.37 23.76
CA LEU C 38 -5.61 -10.36 23.02
C LEU C 38 -5.35 -9.06 23.78
N GLY C 39 -5.94 -8.93 24.96
CA GLY C 39 -5.78 -7.75 25.81
C GLY C 39 -6.47 -6.47 25.36
N LEU C 40 -7.66 -6.63 24.80
CA LEU C 40 -8.37 -5.49 24.23
C LEU C 40 -9.21 -5.00 25.33
N HIS C 41 -8.61 -4.19 26.21
CA HIS C 41 -9.25 -3.76 27.45
C HIS C 41 -10.52 -2.96 27.22
N ASP C 42 -10.58 -2.35 26.05
CA ASP C 42 -11.64 -1.42 25.71
C ASP C 42 -12.66 -1.97 24.72
N TYR C 43 -12.53 -3.23 24.31
CA TYR C 43 -13.30 -3.72 23.16
C TYR C 43 -14.83 -3.77 23.30
N HIS C 44 -15.29 -4.37 24.40
CA HIS C 44 -16.73 -4.59 24.60
C HIS C 44 -17.41 -3.31 25.07
N ASP C 45 -16.60 -2.33 25.46
CA ASP C 45 -17.04 -0.98 25.68
C ASP C 45 -17.34 -0.28 24.31
N ILE C 46 -16.49 -0.52 23.28
CA ILE C 46 -16.66 0.16 22.01
C ILE C 46 -17.66 -0.55 21.10
N ILE C 47 -17.68 -1.87 21.20
CA ILE C 47 -18.51 -2.72 20.37
C ILE C 47 -19.56 -3.35 21.28
N LYS C 48 -20.77 -2.79 21.19
CA LYS C 48 -21.93 -3.29 21.91
C LYS C 48 -22.41 -4.67 21.43
N HIS C 49 -22.40 -4.89 20.12
CA HIS C 49 -22.96 -6.08 19.55
C HIS C 49 -21.92 -6.81 18.67
N PRO C 50 -21.01 -7.59 19.29
CA PRO C 50 -19.99 -8.33 18.54
C PRO C 50 -20.61 -9.33 17.61
N MET C 51 -19.89 -9.66 16.55
CA MET C 51 -20.36 -10.62 15.55
C MET C 51 -19.17 -11.28 14.89
N ASP C 52 -19.30 -12.57 14.53
CA ASP C 52 -18.30 -13.25 13.72
C ASP C 52 -18.98 -14.33 12.86
N LEU C 53 -18.18 -14.96 12.01
CA LEU C 53 -18.68 -15.94 11.10
C LEU C 53 -19.18 -17.18 11.82
N SER C 54 -18.55 -17.60 12.92
CA SER C 54 -19.03 -18.82 13.57
C SER C 54 -20.48 -18.59 14.02
N THR C 55 -20.69 -17.43 14.63
CA THR C 55 -21.96 -16.95 15.17
C THR C 55 -23.00 -16.78 14.06
N VAL C 56 -22.58 -16.35 12.86
CA VAL C 56 -23.49 -16.23 11.77
C VAL C 56 -23.93 -17.63 11.44
N LYS C 57 -23.01 -18.61 11.46
CA LYS C 57 -23.32 -19.94 10.97
C LYS C 57 -24.29 -20.68 11.95
N ARG C 58 -24.13 -20.38 13.24
CA ARG C 58 -25.02 -20.86 14.26
C ARG C 58 -26.46 -20.27 14.13
N LYS C 59 -26.58 -18.96 13.93
CA LYS C 59 -27.89 -18.32 13.76
C LYS C 59 -28.49 -18.85 12.48
N MET C 60 -27.65 -19.07 11.48
CA MET C 60 -28.19 -19.64 10.27
C MET C 60 -28.80 -21.03 10.57
N GLU C 61 -28.11 -21.82 11.43
CA GLU C 61 -28.57 -23.19 11.74
C GLU C 61 -29.79 -23.28 12.64
N ASN C 62 -29.92 -22.37 13.59
CA ASN C 62 -31.12 -22.25 14.41
C ASN C 62 -32.20 -21.51 13.63
N ARG C 63 -31.94 -21.29 12.34
CA ARG C 63 -32.83 -20.53 11.45
C ARG C 63 -33.33 -19.26 12.10
N ASP C 64 -32.39 -18.43 12.61
CA ASP C 64 -32.70 -17.17 13.30
C ASP C 64 -32.78 -16.01 12.32
N TYR C 65 -32.58 -16.30 11.04
CA TYR C 65 -32.73 -15.32 9.99
C TYR C 65 -33.96 -15.71 9.15
N ARG C 66 -34.93 -14.81 8.98
CA ARG C 66 -36.11 -14.99 8.08
C ARG C 66 -35.80 -14.70 6.62
N ASP C 67 -35.00 -13.66 6.35
CA ASP C 67 -34.69 -13.36 4.95
C ASP C 67 -33.25 -12.94 4.79
N ALA C 68 -32.88 -12.69 3.54
CA ALA C 68 -31.50 -12.39 3.24
C ALA C 68 -30.92 -11.10 3.91
N GLN C 69 -31.76 -10.10 4.14
CA GLN C 69 -31.29 -8.79 4.64
C GLN C 69 -30.89 -8.89 6.09
N GLU C 70 -31.43 -9.91 6.75
CA GLU C 70 -31.16 -10.10 8.14
C GLU C 70 -29.79 -10.72 8.26
N PHE C 71 -29.48 -11.65 7.37
CA PHE C 71 -28.18 -12.33 7.31
C PHE C 71 -27.08 -11.34 6.98
N ALA C 72 -27.33 -10.55 5.94
CA ALA C 72 -26.46 -9.48 5.46
C ALA C 72 -26.23 -8.43 6.51
N ALA C 73 -27.25 -8.15 7.33
CA ALA C 73 -27.06 -7.19 8.44
C ALA C 73 -26.04 -7.68 9.45
N ASP C 74 -26.01 -9.00 9.71
CA ASP C 74 -25.05 -9.57 10.65
C ASP C 74 -23.66 -9.59 10.04
N VAL C 75 -23.58 -9.89 8.74
CA VAL C 75 -22.30 -9.98 8.05
C VAL C 75 -21.64 -8.62 8.02
N ARG C 76 -22.43 -7.59 7.79
CA ARG C 76 -21.94 -6.19 7.76
C ARG C 76 -21.59 -5.59 9.12
N LEU C 77 -22.38 -5.92 10.12
CA LEU C 77 -22.08 -5.52 11.47
C LEU C 77 -20.71 -6.14 11.86
N MET C 78 -20.47 -7.39 11.49
CA MET C 78 -19.17 -7.99 11.66
C MET C 78 -18.07 -7.05 11.08
N PHE C 79 -18.16 -6.68 9.82
CA PHE C 79 -17.19 -5.73 9.26
C PHE C 79 -17.19 -4.38 9.87
N SER C 80 -18.37 -3.79 10.12
CA SER C 80 -18.48 -2.49 10.79
C SER C 80 -17.77 -2.43 12.10
N ASN C 81 -17.93 -3.51 12.88
CA ASN C 81 -17.23 -3.65 14.13
C ASN C 81 -15.74 -3.57 13.97
N CYS C 82 -15.10 -4.28 12.99
CA CYS C 82 -13.62 -4.22 12.87
C CYS C 82 -13.25 -2.82 12.53
N TYR C 83 -14.08 -2.14 11.72
CA TYR C 83 -13.77 -0.78 11.23
C TYR C 83 -13.81 0.20 12.36
N LYS C 84 -14.86 0.06 13.18
CA LYS C 84 -15.03 0.96 14.33
C LYS C 84 -13.86 0.82 15.33
N TYR C 85 -13.50 -0.42 15.59
CA TYR C 85 -12.58 -0.70 16.70
C TYR C 85 -11.10 -0.43 16.33
N ASN C 86 -10.76 -0.56 15.05
CA ASN C 86 -9.36 -0.64 14.60
C ASN C 86 -8.94 0.56 13.77
N PRO C 87 -7.75 1.08 14.00
CA PRO C 87 -7.31 2.25 13.21
C PRO C 87 -7.19 1.86 11.73
N PRO C 88 -7.31 2.84 10.84
CA PRO C 88 -7.33 2.59 9.37
C PRO C 88 -6.10 1.89 8.75
N ASP C 89 -4.97 1.97 9.43
CA ASP C 89 -3.73 1.38 8.94
C ASP C 89 -3.38 0.05 9.60
N HIS C 90 -4.30 -0.57 10.36
CA HIS C 90 -4.03 -1.92 10.86
C HIS C 90 -4.31 -3.02 9.81
N ASP C 91 -3.56 -4.11 9.89
CA ASP C 91 -3.76 -5.26 9.01
C ASP C 91 -5.19 -5.79 9.04
N VAL C 92 -5.80 -5.92 10.22
CA VAL C 92 -7.15 -6.48 10.34
C VAL C 92 -8.19 -5.68 9.52
N VAL C 93 -7.98 -4.37 9.39
CA VAL C 93 -8.81 -3.55 8.51
C VAL C 93 -8.75 -4.01 7.07
N ALA C 94 -7.56 -4.05 6.50
CA ALA C 94 -7.40 -4.56 5.14
C ALA C 94 -7.97 -5.99 4.93
N MET C 95 -7.84 -6.88 5.91
CA MET C 95 -8.38 -8.22 5.76
C MET C 95 -9.90 -8.16 5.63
N ALA C 96 -10.48 -7.20 6.33
CA ALA C 96 -11.89 -7.01 6.47
C ALA C 96 -12.42 -6.59 5.14
N ARG C 97 -11.78 -5.64 4.47
CA ARG C 97 -12.24 -5.19 3.14
C ARG C 97 -12.13 -6.27 2.07
N LYS C 98 -11.05 -7.07 2.09
CA LYS C 98 -10.90 -8.19 1.18
C LYS C 98 -12.04 -9.18 1.36
N LEU C 99 -12.33 -9.56 2.59
CA LEU C 99 -13.44 -10.42 2.80
C LEU C 99 -14.77 -9.74 2.41
N GLN C 100 -14.90 -8.46 2.66
CA GLN C 100 -16.13 -7.78 2.31
C GLN C 100 -16.34 -7.60 0.80
N ASP C 101 -15.28 -7.64 -0.02
CA ASP C 101 -15.52 -7.57 -1.46
C ASP C 101 -16.20 -8.83 -1.87
N VAL C 102 -15.74 -9.92 -1.25
CA VAL C 102 -16.27 -11.27 -1.53
C VAL C 102 -17.74 -11.36 -1.13
N PHE C 103 -18.07 -10.76 0.01
CA PHE C 103 -19.47 -10.77 0.48
C PHE C 103 -20.34 -9.83 -0.38
N GLU C 104 -20.01 -8.55 -0.49
CA GLU C 104 -20.83 -7.61 -1.26
C GLU C 104 -21.07 -8.06 -2.68
N PHE C 105 -20.11 -8.75 -3.30
CA PHE C 105 -20.30 -9.20 -4.68
C PHE C 105 -21.27 -10.30 -4.73
N ARG C 106 -21.00 -11.32 -3.93
CA ARG C 106 -21.76 -12.55 -4.00
C ARG C 106 -23.13 -12.31 -3.49
N TYR C 107 -23.31 -11.23 -2.70
CA TYR C 107 -24.57 -10.88 -2.10
C TYR C 107 -25.40 -10.12 -3.07
N ALA C 108 -24.75 -9.35 -3.93
CA ALA C 108 -25.46 -8.58 -4.98
C ALA C 108 -25.99 -9.40 -6.17
N LYS C 109 -25.32 -10.52 -6.45
CA LYS C 109 -25.65 -11.36 -7.60
C LYS C 109 -26.59 -12.45 -7.11
N MET C 110 -27.36 -12.11 -6.07
CA MET C 110 -28.36 -13.00 -5.53
C MET C 110 -29.62 -12.92 -6.42
N PRO C 111 -30.11 -14.07 -6.94
CA PRO C 111 -31.41 -14.12 -7.65
C PRO C 111 -32.61 -13.72 -6.79
N ASP C 112 -33.63 -13.17 -7.45
CA ASP C 112 -34.79 -12.60 -6.76
C ASP C 112 -35.39 -11.47 -7.59
N MET D 4 7.81 11.29 -21.86
CA MET D 4 8.02 12.69 -21.35
C MET D 4 7.26 12.96 -20.03
N GLU D 5 6.11 12.31 -19.85
CA GLU D 5 5.38 12.39 -18.60
C GLU D 5 6.33 12.14 -17.38
N GLN D 6 6.90 10.93 -17.35
CA GLN D 6 7.92 10.51 -16.38
C GLN D 6 8.89 11.54 -15.84
N LEU D 7 9.53 12.25 -16.74
CA LEU D 7 10.52 13.24 -16.35
C LEU D 7 9.82 14.39 -15.66
N LYS D 8 8.58 14.66 -16.06
CA LYS D 8 7.70 15.53 -15.30
C LYS D 8 7.72 15.15 -13.82
N HIS D 9 7.40 13.88 -13.52
CA HIS D 9 7.49 13.40 -12.16
C HIS D 9 8.96 13.49 -11.58
N CYS D 10 9.98 13.15 -12.38
CA CYS D 10 11.40 13.22 -11.99
C CYS D 10 11.81 14.61 -11.55
N ASN D 11 11.11 15.62 -12.05
CA ASN D 11 11.29 16.98 -11.58
C ASN D 11 10.73 17.11 -10.15
N GLY D 12 9.51 16.66 -9.93
CA GLY D 12 8.89 16.79 -8.63
C GLY D 12 9.76 16.06 -7.62
N ILE D 13 10.52 15.10 -8.10
CA ILE D 13 11.38 14.33 -7.19
C ILE D 13 12.63 15.13 -6.82
N LEU D 14 13.29 15.72 -7.82
CA LEU D 14 14.45 16.56 -7.57
C LEU D 14 14.13 17.67 -6.55
N LYS D 15 13.10 18.45 -6.81
CA LYS D 15 12.69 19.52 -5.91
C LYS D 15 12.47 19.01 -4.50
N GLU D 16 11.63 18.01 -4.35
CA GLU D 16 11.51 17.32 -3.07
C GLU D 16 12.90 17.01 -2.47
N LEU D 17 13.85 16.52 -3.27
CA LEU D 17 15.19 16.21 -2.71
C LEU D 17 15.96 17.47 -2.35
N LEU D 18 15.75 18.58 -3.08
CA LEU D 18 16.42 19.87 -2.78
C LEU D 18 15.74 20.78 -1.74
N SER D 19 14.64 20.35 -1.15
CA SER D 19 13.78 21.19 -0.34
C SER D 19 14.29 21.20 1.10
N LYS D 20 13.86 22.21 1.86
CA LYS D 20 14.28 22.45 3.26
C LYS D 20 13.86 21.35 4.24
N LYS D 21 12.72 20.71 4.01
CA LYS D 21 12.25 19.58 4.83
C LYS D 21 13.26 18.39 4.93
N HIS D 22 14.30 18.39 4.09
CA HIS D 22 15.32 17.34 4.12
C HIS D 22 16.70 17.95 4.26
N ALA D 23 16.75 19.28 4.42
CA ALA D 23 18.03 19.99 4.53
C ALA D 23 19.00 19.35 5.56
N ALA D 24 18.45 18.81 6.67
CA ALA D 24 19.29 18.18 7.70
C ALA D 24 20.17 17.04 7.17
N TYR D 25 19.70 16.29 6.17
CA TYR D 25 20.53 15.22 5.63
C TYR D 25 20.87 15.35 4.14
N ALA D 26 20.35 16.39 3.46
CA ALA D 26 20.59 16.66 2.02
C ALA D 26 21.74 17.58 1.67
N TRP D 27 22.08 18.51 2.56
CA TRP D 27 23.23 19.46 2.32
C TRP D 27 24.57 18.91 1.70
N PRO D 28 25.10 17.76 2.14
CA PRO D 28 26.37 17.28 1.56
C PRO D 28 26.26 17.02 0.05
N PHE D 29 25.04 17.01 -0.49
CA PHE D 29 24.77 16.58 -1.86
C PHE D 29 24.31 17.67 -2.79
N TYR D 30 24.15 18.88 -2.28
CA TYR D 30 23.67 20.01 -3.09
C TYR D 30 24.67 20.32 -4.20
N LYS D 31 25.96 20.15 -3.92
CA LYS D 31 26.99 20.60 -4.83
C LYS D 31 28.13 19.55 -4.88
N PRO D 32 28.98 19.52 -5.93
CA PRO D 32 30.00 18.48 -5.98
C PRO D 32 30.86 18.40 -4.74
N VAL D 33 31.39 17.22 -4.51
CA VAL D 33 32.32 17.07 -3.42
C VAL D 33 33.55 17.90 -3.80
N ASP D 34 33.76 19.00 -3.07
CA ASP D 34 34.99 19.78 -3.14
C ASP D 34 36.09 19.10 -2.32
N ALA D 35 36.81 18.21 -2.97
CA ALA D 35 37.82 17.43 -2.22
C ALA D 35 38.88 18.38 -1.59
N SER D 36 39.17 19.52 -2.27
CA SER D 36 40.16 20.55 -1.80
C SER D 36 39.84 21.18 -0.45
N ALA D 37 38.71 21.86 -0.39
CA ALA D 37 38.22 22.39 0.87
C ALA D 37 37.87 21.39 1.96
N LEU D 38 37.99 20.09 1.67
CA LEU D 38 37.71 19.08 2.69
C LEU D 38 38.80 18.14 3.05
N GLY D 39 39.97 18.27 2.44
CA GLY D 39 41.04 17.33 2.70
C GLY D 39 40.95 15.89 2.20
N LEU D 40 40.05 15.62 1.25
CA LEU D 40 39.89 14.23 0.72
C LEU D 40 40.93 13.94 -0.40
N HIS D 41 42.11 13.42 -0.03
CA HIS D 41 43.23 13.34 -0.96
C HIS D 41 42.88 12.45 -2.13
N ASP D 42 42.38 11.27 -1.83
CA ASP D 42 42.21 10.26 -2.85
C ASP D 42 40.81 10.17 -3.40
N TYR D 43 39.94 11.13 -3.07
CA TYR D 43 38.57 11.18 -3.56
C TYR D 43 38.36 10.91 -5.06
N HIS D 44 38.90 11.79 -5.89
CA HIS D 44 38.76 11.63 -7.32
C HIS D 44 39.56 10.49 -7.89
N ASP D 45 40.28 9.75 -7.08
CA ASP D 45 40.94 8.53 -7.53
C ASP D 45 40.02 7.36 -7.26
N ILE D 46 39.35 7.44 -6.10
CA ILE D 46 38.42 6.39 -5.71
C ILE D 46 37.10 6.49 -6.51
N ILE D 47 36.58 7.71 -6.65
CA ILE D 47 35.30 8.00 -7.29
C ILE D 47 35.52 8.55 -8.70
N LYS D 48 35.29 7.73 -9.72
CA LYS D 48 35.60 8.13 -11.10
C LYS D 48 34.52 9.04 -11.68
N HIS D 49 33.28 8.77 -11.26
CA HIS D 49 32.13 9.62 -11.66
C HIS D 49 31.36 10.30 -10.49
N PRO D 50 31.91 11.41 -10.01
CA PRO D 50 31.23 12.18 -8.97
C PRO D 50 29.86 12.61 -9.51
N MET D 51 28.93 12.85 -8.61
CA MET D 51 27.60 13.27 -9.00
C MET D 51 26.92 13.92 -7.82
N ASP D 52 26.00 14.84 -8.08
CA ASP D 52 25.32 15.57 -7.02
C ASP D 52 24.06 16.27 -7.49
N LEU D 53 23.23 16.68 -6.56
CA LEU D 53 21.92 17.12 -6.92
C LEU D 53 21.97 18.23 -7.97
N SER D 54 22.89 19.18 -7.82
CA SER D 54 22.90 20.39 -8.67
C SER D 54 23.30 19.98 -10.06
N THR D 55 24.31 19.14 -10.18
CA THR D 55 24.60 18.52 -11.45
C THR D 55 23.38 17.86 -12.10
N VAL D 56 22.70 17.00 -11.35
CA VAL D 56 21.52 16.32 -11.88
C VAL D 56 20.51 17.35 -12.36
N LYS D 57 20.49 18.53 -11.72
CA LYS D 57 19.48 19.55 -12.01
C LYS D 57 19.85 20.32 -13.27
N ARG D 58 21.10 20.22 -13.67
CA ARG D 58 21.57 20.93 -14.82
C ARG D 58 21.33 19.98 -16.00
N LYS D 59 21.57 18.68 -15.75
CA LYS D 59 21.34 17.63 -16.73
C LYS D 59 19.87 17.50 -17.05
N MET D 60 19.02 17.57 -16.03
CA MET D 60 17.57 17.67 -16.21
C MET D 60 17.20 18.86 -17.15
N GLU D 61 17.44 20.11 -16.68
CA GLU D 61 17.34 21.35 -17.49
C GLU D 61 17.96 21.32 -18.92
N ASN D 62 19.09 20.65 -19.11
CA ASN D 62 19.72 20.47 -20.41
C ASN D 62 19.30 19.21 -21.17
N ARG D 63 18.11 18.72 -20.85
CA ARG D 63 17.54 17.56 -21.52
C ARG D 63 18.51 16.44 -21.62
N ASP D 64 19.47 16.37 -20.71
CA ASP D 64 20.54 15.36 -20.85
C ASP D 64 20.06 13.90 -20.63
N TYR D 65 18.92 13.71 -19.95
CA TYR D 65 18.39 12.37 -19.74
C TYR D 65 17.35 12.11 -20.82
N ARG D 66 17.20 10.84 -21.19
CA ARG D 66 16.18 10.47 -22.13
C ARG D 66 14.96 9.94 -21.40
N ASP D 67 15.14 9.55 -20.14
CA ASP D 67 14.08 8.85 -19.46
C ASP D 67 14.28 8.76 -17.95
N ALA D 68 13.33 8.13 -17.28
CA ALA D 68 13.31 8.12 -15.84
C ALA D 68 14.44 7.25 -15.24
N GLN D 69 14.80 6.21 -15.94
CA GLN D 69 15.82 5.28 -15.50
C GLN D 69 17.20 5.96 -15.47
N GLU D 70 17.40 6.86 -16.43
CA GLU D 70 18.64 7.59 -16.57
C GLU D 70 18.82 8.50 -15.41
N PHE D 71 17.75 9.23 -15.12
CA PHE D 71 17.64 10.10 -13.94
C PHE D 71 17.99 9.29 -12.68
N ALA D 72 17.27 8.18 -12.48
CA ALA D 72 17.47 7.30 -11.32
C ALA D 72 18.89 6.81 -11.18
N ALA D 73 19.57 6.65 -12.30
CA ALA D 73 20.91 6.06 -12.26
C ALA D 73 21.90 7.11 -11.75
N ASP D 74 21.66 8.36 -12.06
CA ASP D 74 22.55 9.38 -11.61
C ASP D 74 22.33 9.57 -10.08
N VAL D 75 21.08 9.67 -9.65
CA VAL D 75 20.77 9.78 -8.21
C VAL D 75 21.39 8.61 -7.42
N ARG D 76 21.36 7.44 -8.01
CA ARG D 76 21.92 6.30 -7.32
C ARG D 76 23.41 6.33 -7.26
N LEU D 77 24.00 6.76 -8.40
CA LEU D 77 25.42 7.02 -8.47
C LEU D 77 25.92 7.94 -7.34
N MET D 78 25.20 9.05 -7.17
CA MET D 78 25.48 10.02 -6.16
C MET D 78 25.55 9.25 -4.82
N PHE D 79 24.55 8.43 -4.49
CA PHE D 79 24.58 7.71 -3.26
C PHE D 79 25.71 6.66 -3.20
N SER D 80 25.93 5.93 -4.32
CA SER D 80 26.94 4.89 -4.35
C SER D 80 28.32 5.47 -4.13
N ASN D 81 28.65 6.55 -4.80
CA ASN D 81 29.90 7.31 -4.46
C ASN D 81 30.03 7.51 -2.95
N CYS D 82 28.97 7.99 -2.30
CA CYS D 82 29.03 8.27 -0.88
C CYS D 82 29.34 7.00 -0.11
N TYR D 83 28.57 5.93 -0.33
CA TYR D 83 28.85 4.60 0.25
C TYR D 83 30.26 4.06 -0.08
N LYS D 84 30.70 4.24 -1.33
CA LYS D 84 31.98 3.70 -1.79
C LYS D 84 33.17 4.33 -1.04
N TYR D 85 33.18 5.65 -1.00
CA TYR D 85 34.26 6.41 -0.37
C TYR D 85 34.35 6.41 1.13
N ASN D 86 33.20 6.47 1.81
CA ASN D 86 33.12 6.58 3.26
C ASN D 86 32.91 5.26 4.02
N PRO D 87 33.44 5.19 5.24
CA PRO D 87 33.21 4.05 6.13
C PRO D 87 31.76 3.97 6.60
N PRO D 88 31.31 2.75 6.89
CA PRO D 88 29.90 2.43 7.16
C PRO D 88 29.28 3.12 8.37
N ASP D 89 30.11 3.80 9.14
CA ASP D 89 29.69 4.43 10.39
C ASP D 89 29.80 5.93 10.32
N HIS D 90 30.32 6.44 9.20
CA HIS D 90 30.43 7.85 9.08
C HIS D 90 29.05 8.55 8.99
N ASP D 91 28.98 9.79 9.48
CA ASP D 91 27.76 10.60 9.40
C ASP D 91 27.20 10.89 8.00
N VAL D 92 28.02 11.41 7.06
CA VAL D 92 27.61 11.57 5.65
C VAL D 92 26.89 10.29 5.16
N VAL D 93 27.25 9.14 5.69
CA VAL D 93 26.60 7.89 5.29
C VAL D 93 25.17 7.74 5.80
N ALA D 94 24.93 8.12 7.04
CA ALA D 94 23.62 7.86 7.61
C ALA D 94 22.71 8.89 6.96
N MET D 95 23.25 10.05 6.56
CA MET D 95 22.50 11.05 5.78
C MET D 95 22.10 10.63 4.37
N ALA D 96 23.05 10.00 3.68
CA ALA D 96 22.87 9.49 2.35
C ALA D 96 21.73 8.49 2.38
N ARG D 97 21.76 7.52 3.32
CA ARG D 97 20.69 6.53 3.58
C ARG D 97 19.34 7.15 3.86
N LYS D 98 19.27 8.20 4.66
CA LYS D 98 18.00 8.85 4.91
C LYS D 98 17.40 9.60 3.69
N LEU D 99 18.25 10.27 2.95
CA LEU D 99 17.83 10.93 1.75
C LEU D 99 17.49 9.93 0.63
N GLN D 100 18.20 8.82 0.57
CA GLN D 100 17.96 7.80 -0.42
C GLN D 100 16.58 7.18 -0.29
N ASP D 101 16.12 6.99 0.93
CA ASP D 101 14.80 6.46 1.15
C ASP D 101 13.75 7.44 0.67
N VAL D 102 14.03 8.73 0.74
CA VAL D 102 13.17 9.73 0.11
C VAL D 102 13.18 9.54 -1.44
N PHE D 103 14.37 9.49 -2.04
CA PHE D 103 14.40 9.22 -3.47
C PHE D 103 13.62 7.94 -3.88
N GLU D 104 13.97 6.81 -3.28
CA GLU D 104 13.39 5.50 -3.63
C GLU D 104 11.86 5.39 -3.43
N PHE D 105 11.35 6.00 -2.38
CA PHE D 105 9.91 5.97 -2.14
C PHE D 105 9.24 6.76 -3.24
N ARG D 106 9.73 7.95 -3.51
CA ARG D 106 9.17 8.77 -4.56
C ARG D 106 9.35 8.15 -5.91
N TYR D 107 10.55 7.69 -6.21
CA TYR D 107 10.77 7.09 -7.50
C TYR D 107 9.81 5.94 -7.77
N ALA D 108 9.57 5.09 -6.76
CA ALA D 108 8.75 3.88 -6.93
C ALA D 108 7.23 4.20 -7.05
N LYS D 109 6.79 5.31 -6.47
CA LYS D 109 5.39 5.73 -6.53
C LYS D 109 5.19 6.57 -7.78
N MET D 110 6.18 6.47 -8.68
CA MET D 110 6.17 7.27 -9.89
C MET D 110 5.25 6.65 -10.92
N PRO D 111 4.11 7.32 -11.17
CA PRO D 111 3.14 6.85 -12.16
C PRO D 111 3.83 6.51 -13.46
N ASP D 112 3.56 5.31 -13.95
CA ASP D 112 4.17 4.84 -15.21
C ASP D 112 3.05 4.34 -16.11
N SER E 1 -6.47 -1.53 25.80
CA SER E 1 -5.53 -0.39 26.03
C SER E 1 -6.00 0.70 25.13
N GLY E 2 -5.16 0.91 24.12
CA GLY E 2 -5.47 1.73 22.99
C GLY E 2 -6.24 0.93 22.00
N ARG E 3 -5.78 0.97 20.78
CA ARG E 3 -6.69 1.18 19.68
C ARG E 3 -6.87 -0.02 18.73
N GLY E 4 -5.97 -1.00 18.77
CA GLY E 4 -6.16 -2.03 17.78
C GLY E 4 -5.91 -3.37 18.36
N GLY E 6 -2.70 -4.65 17.61
CA GLY E 6 -1.28 -4.88 17.42
C GLY E 6 -0.83 -5.07 15.98
N GLY E 7 -1.72 -4.90 15.00
CA GLY E 7 -1.19 -4.96 13.63
C GLY E 7 -0.99 -3.69 12.82
N LYS E 8 -0.80 -2.57 13.51
CA LYS E 8 -0.40 -1.34 12.83
C LYS E 8 0.83 -1.59 11.88
N GLY E 9 0.68 -1.29 10.61
CA GLY E 9 1.73 -1.47 9.60
C GLY E 9 2.10 -2.90 9.24
N LEU E 10 1.38 -3.91 9.74
CA LEU E 10 1.62 -5.31 9.40
C LEU E 10 1.01 -5.62 8.06
N GLY E 11 1.48 -6.69 7.39
CA GLY E 11 0.82 -7.25 6.23
C GLY E 11 1.36 -6.68 4.92
N GLY E 13 0.11 -4.65 1.04
CA GLY E 13 -0.96 -4.05 0.28
C GLY E 13 -1.66 -2.88 0.94
N GLY E 14 -2.62 -2.28 0.25
CA GLY E 14 -3.37 -1.18 0.82
C GLY E 14 -2.70 0.11 0.41
N ALA E 15 -2.46 0.23 -0.90
CA ALA E 15 -1.79 1.38 -1.57
C ALA E 15 -0.33 1.58 -1.21
N ARG F 3 39.35 5.32 7.58
CA ARG F 3 38.44 6.54 7.60
C ARG F 3 38.39 7.38 6.26
N GLY F 4 37.16 7.50 5.72
CA GLY F 4 36.81 8.34 4.56
C GLY F 4 36.81 9.85 4.75
N GLY F 6 35.98 11.87 7.82
CA GLY F 6 36.18 12.54 9.11
C GLY F 6 35.18 13.55 9.74
N GLY F 7 33.86 13.35 9.57
CA GLY F 7 32.85 14.14 10.30
C GLY F 7 33.03 14.16 11.83
N LYS F 8 32.41 13.23 12.56
CA LYS F 8 32.47 13.30 14.05
C LYS F 8 33.42 12.35 14.82
N GLY F 9 34.20 12.95 15.73
CA GLY F 9 35.01 12.24 16.71
C GLY F 9 34.17 11.44 17.72
N LEU F 10 33.52 12.14 18.66
CA LEU F 10 32.76 11.49 19.74
C LEU F 10 32.40 12.46 20.89
N GLY F 11 33.32 12.55 21.86
CA GLY F 11 33.16 13.24 23.15
C GLY F 11 34.09 14.43 23.21
N GLY F 13 36.34 16.66 22.54
CA GLY F 13 37.45 16.87 21.64
C GLY F 13 38.15 15.59 21.25
N GLY F 14 39.31 15.43 21.87
CA GLY F 14 40.25 14.33 21.73
C GLY F 14 41.57 14.63 22.49
N ALA F 15 42.52 13.70 22.37
CA ALA F 15 43.79 13.71 23.10
C ALA F 15 44.83 13.03 22.22
#